data_2IZM
#
_entry.id   2IZM
#
_cell.length_a   288.000
_cell.length_b   288.000
_cell.length_c   653.000
_cell.angle_alpha   90.00
_cell.angle_beta   90.00
_cell.angle_gamma   120.00
#
_symmetry.space_group_name_H-M   'H 3 2'
#
loop_
_entity.id
_entity.type
_entity.pdbx_description
1 polymer 'Capsid protein'
2 polymer "5'-R(*AP*CP*AP*UP*GP*CP*GP*GP*AP*UP *CP*AP*CP*CP*CP*AP*UP*GP*U)-3'"
3 water water
#
loop_
_entity_poly.entity_id
_entity_poly.type
_entity_poly.pdbx_seq_one_letter_code
_entity_poly.pdbx_strand_id
1 'polypeptide(L)'
;ASNFTQFVLVDNGGTGDVTVAPSNFANGVAEWISSNSRSQAYKVTCSVRQSSAQNRKYTIKVEVPKVATQTVGGVELPVA
AWRSYLNMELTIPIFATNSDCELIVKAMQGLLKDGNPIPSAIAANSGIY
;
A,B,C
2 'polyribonucleotide' ACAUGCGGAUCACCCAUGU R,S
#
# COMPACT_ATOMS: atom_id res chain seq x y z
N ALA A 1 14.80 11.42 -1.93
CA ALA A 1 14.22 10.11 -1.50
C ALA A 1 12.69 10.19 -1.27
N SER A 2 12.08 9.00 -1.26
CA SER A 2 10.66 8.80 -1.05
C SER A 2 10.62 7.29 -1.19
N ASN A 3 10.22 6.57 -0.14
CA ASN A 3 10.20 5.13 -0.27
C ASN A 3 8.94 4.62 -0.96
N PHE A 4 8.10 5.55 -1.42
CA PHE A 4 6.86 5.20 -2.12
C PHE A 4 7.18 4.92 -3.58
N THR A 5 7.97 3.88 -3.80
CA THR A 5 8.40 3.49 -5.14
C THR A 5 7.79 2.16 -5.53
N GLN A 6 7.91 1.80 -6.81
CA GLN A 6 7.37 0.52 -7.26
C GLN A 6 8.37 -0.59 -6.96
N PHE A 7 7.87 -1.79 -6.71
CA PHE A 7 8.74 -2.94 -6.43
C PHE A 7 8.21 -4.22 -7.05
N VAL A 8 9.04 -5.25 -7.08
CA VAL A 8 8.64 -6.54 -7.64
C VAL A 8 8.02 -7.37 -6.52
N LEU A 9 6.70 -7.58 -6.60
CA LEU A 9 5.99 -8.38 -5.61
C LEU A 9 6.25 -9.87 -5.80
N VAL A 10 6.01 -10.37 -6.99
CA VAL A 10 6.26 -11.78 -7.27
C VAL A 10 7.40 -11.91 -8.26
N ASP A 11 8.51 -12.46 -7.78
CA ASP A 11 9.68 -12.64 -8.62
C ASP A 11 9.76 -14.00 -9.31
N ASN A 12 9.76 -13.97 -10.64
CA ASN A 12 9.85 -15.17 -11.48
C ASN A 12 11.04 -15.01 -12.46
N GLY A 13 12.18 -14.59 -11.92
CA GLY A 13 13.37 -14.41 -12.74
C GLY A 13 13.24 -13.55 -13.98
N GLY A 14 12.71 -12.32 -13.83
CA GLY A 14 12.57 -11.41 -14.96
C GLY A 14 11.49 -11.70 -16.01
N THR A 15 10.99 -12.95 -16.06
CA THR A 15 9.95 -13.30 -17.05
C THR A 15 8.62 -13.67 -16.35
N GLY A 16 7.63 -12.78 -16.44
CA GLY A 16 6.35 -13.02 -15.80
C GLY A 16 6.41 -12.53 -14.35
N ASP A 17 7.22 -11.49 -14.11
CA ASP A 17 7.38 -10.89 -12.79
C ASP A 17 6.20 -9.99 -12.49
N VAL A 18 5.57 -10.19 -11.34
CA VAL A 18 4.45 -9.34 -10.95
C VAL A 18 5.06 -8.12 -10.27
N THR A 19 4.97 -6.99 -10.96
CA THR A 19 5.51 -5.73 -10.46
C THR A 19 4.31 -4.90 -9.95
N VAL A 20 4.53 -4.16 -8.87
CA VAL A 20 3.47 -3.36 -8.25
C VAL A 20 3.90 -1.90 -8.15
N ALA A 21 3.01 -0.97 -8.49
CA ALA A 21 3.35 0.45 -8.47
C ALA A 21 2.46 1.36 -7.59
N PRO A 22 3.02 2.49 -7.10
CA PRO A 22 2.28 3.43 -6.27
C PRO A 22 1.01 3.87 -6.98
N SER A 23 -0.13 3.72 -6.33
CA SER A 23 -1.38 4.09 -6.94
C SER A 23 -2.29 4.99 -6.12
N ASN A 24 -2.05 5.11 -4.83
CA ASN A 24 -2.88 5.97 -3.98
C ASN A 24 -2.30 6.19 -2.59
N PHE A 25 -2.59 7.36 -2.00
CA PHE A 25 -2.12 7.66 -0.65
C PHE A 25 -3.21 8.40 0.12
N ALA A 26 -4.43 8.32 -0.38
CA ALA A 26 -5.56 8.97 0.27
C ALA A 26 -5.83 8.35 1.64
N ASN A 27 -6.11 9.21 2.61
CA ASN A 27 -6.42 8.79 3.96
C ASN A 27 -5.31 8.05 4.72
N GLY A 28 -4.06 8.43 4.44
CA GLY A 28 -2.93 7.83 5.12
C GLY A 28 -2.65 6.38 4.80
N VAL A 29 -3.32 5.82 3.80
CA VAL A 29 -3.08 4.44 3.42
C VAL A 29 -2.33 4.42 2.10
N ALA A 30 -1.10 3.95 2.12
CA ALA A 30 -0.31 3.86 0.91
C ALA A 30 -0.80 2.62 0.14
N GLU A 31 -1.05 2.79 -1.15
CA GLU A 31 -1.52 1.69 -1.98
C GLU A 31 -0.67 1.45 -3.21
N TRP A 32 -0.56 0.17 -3.58
CA TRP A 32 0.20 -0.27 -4.74
C TRP A 32 -0.68 -1.30 -5.47
N ILE A 33 -0.69 -1.27 -6.80
CA ILE A 33 -1.46 -2.26 -7.55
C ILE A 33 -0.67 -2.57 -8.80
N SER A 34 -0.92 -3.74 -9.38
CA SER A 34 -0.22 -4.14 -10.59
C SER A 34 -0.94 -3.57 -11.81
N SER A 35 -0.30 -3.67 -12.98
CA SER A 35 -0.88 -3.15 -14.22
C SER A 35 -1.96 -4.07 -14.77
N ASN A 36 -3.14 -3.97 -14.18
CA ASN A 36 -4.27 -4.78 -14.58
C ASN A 36 -5.49 -3.93 -14.38
N SER A 37 -6.65 -4.48 -14.74
CA SER A 37 -7.86 -3.76 -14.49
C SER A 37 -7.98 -3.88 -12.97
N ARG A 38 -8.63 -2.91 -12.35
CA ARG A 38 -8.81 -2.90 -10.90
C ARG A 38 -9.43 -4.22 -10.39
N SER A 39 -10.16 -4.92 -11.26
CA SER A 39 -10.79 -6.19 -10.88
C SER A 39 -9.85 -7.41 -10.85
N GLN A 40 -8.73 -7.33 -11.55
CA GLN A 40 -7.77 -8.44 -11.57
C GLN A 40 -6.43 -8.06 -10.96
N ALA A 41 -6.35 -6.92 -10.32
CA ALA A 41 -5.07 -6.45 -9.80
C ALA A 41 -4.56 -6.97 -8.45
N TYR A 42 -3.25 -7.10 -8.37
CA TYR A 42 -2.59 -7.48 -7.14
C TYR A 42 -2.65 -6.15 -6.38
N LYS A 43 -2.92 -6.20 -5.09
CA LYS A 43 -3.04 -4.98 -4.31
C LYS A 43 -2.25 -5.07 -3.01
N VAL A 44 -1.53 -4.01 -2.68
CA VAL A 44 -0.75 -3.95 -1.45
C VAL A 44 -1.06 -2.60 -0.79
N THR A 45 -1.41 -2.63 0.49
CA THR A 45 -1.67 -1.38 1.21
C THR A 45 -0.88 -1.37 2.50
N CYS A 46 -0.45 -0.17 2.90
CA CYS A 46 0.33 -0.01 4.12
C CYS A 46 -0.02 1.26 4.87
N SER A 47 -0.10 1.16 6.19
CA SER A 47 -0.37 2.34 7.00
C SER A 47 0.29 2.21 8.36
N VAL A 48 0.72 3.34 8.91
CA VAL A 48 1.36 3.36 10.22
C VAL A 48 0.49 4.23 11.10
N ARG A 49 0.44 3.90 12.38
CA ARG A 49 -0.36 4.65 13.33
C ARG A 49 0.21 4.54 14.73
N GLN A 50 0.14 5.64 15.47
CA GLN A 50 0.59 5.69 16.86
C GLN A 50 -0.59 5.09 17.64
N SER A 51 -0.62 3.75 17.72
CA SER A 51 -1.69 3.01 18.38
C SER A 51 -1.83 3.20 19.89
N SER A 52 -0.89 3.90 20.51
CA SER A 52 -0.95 4.10 21.96
C SER A 52 0.09 5.13 22.36
N ALA A 53 0.20 5.36 23.66
CA ALA A 53 1.17 6.33 24.15
C ALA A 53 2.59 5.85 23.83
N GLN A 54 2.81 4.54 23.93
CA GLN A 54 4.14 4.02 23.69
C GLN A 54 4.27 2.99 22.57
N ASN A 55 3.29 2.93 21.68
CA ASN A 55 3.31 1.98 20.59
C ASN A 55 2.99 2.55 19.23
N ARG A 56 3.57 1.94 18.21
CA ARG A 56 3.31 2.32 16.83
C ARG A 56 2.91 1.03 16.14
N LYS A 57 1.89 1.10 15.29
CA LYS A 57 1.41 -0.09 14.64
C LYS A 57 1.30 0.00 13.12
N TYR A 58 1.96 -0.92 12.43
CA TYR A 58 1.92 -1.00 10.98
C TYR A 58 0.81 -1.98 10.59
N THR A 59 0.05 -1.65 9.56
CA THR A 59 -1.01 -2.52 9.07
C THR A 59 -0.73 -2.72 7.59
N ILE A 60 -0.36 -3.94 7.23
CA ILE A 60 -0.05 -4.28 5.86
C ILE A 60 -1.05 -5.27 5.29
N LYS A 61 -1.42 -5.09 4.03
CA LYS A 61 -2.38 -5.95 3.34
C LYS A 61 -1.94 -6.31 1.94
N VAL A 62 -2.00 -7.59 1.61
CA VAL A 62 -1.65 -8.06 0.28
C VAL A 62 -2.80 -8.91 -0.25
N GLU A 63 -3.16 -8.68 -1.51
CA GLU A 63 -4.22 -9.42 -2.19
C GLU A 63 -3.66 -10.10 -3.43
N VAL A 64 -3.69 -11.44 -3.45
CA VAL A 64 -3.20 -12.20 -4.60
C VAL A 64 -4.40 -12.77 -5.36
N PRO A 65 -4.65 -12.28 -6.59
CA PRO A 65 -5.80 -12.80 -7.35
C PRO A 65 -5.54 -14.00 -8.25
N LYS A 66 -6.62 -14.72 -8.52
CA LYS A 66 -6.62 -15.85 -9.43
C LYS A 66 -7.43 -15.26 -10.60
N VAL A 67 -6.72 -14.71 -11.59
CA VAL A 67 -7.35 -14.08 -12.73
C VAL A 67 -8.14 -15.04 -13.61
N ALA A 68 -9.31 -14.57 -14.04
CA ALA A 68 -10.20 -15.36 -14.89
C ALA A 68 -11.02 -14.44 -15.80
N THR A 69 -11.65 -15.04 -16.80
CA THR A 69 -12.50 -14.29 -17.73
C THR A 69 -13.88 -14.87 -17.55
N GLN A 70 -14.82 -14.06 -17.09
CA GLN A 70 -16.17 -14.56 -16.90
C GLN A 70 -17.19 -14.00 -17.88
N THR A 71 -18.23 -14.77 -18.17
CA THR A 71 -19.28 -14.36 -19.10
C THR A 71 -20.57 -14.02 -18.35
N VAL A 72 -20.80 -12.73 -18.13
CA VAL A 72 -21.97 -12.20 -17.43
C VAL A 72 -22.93 -11.61 -18.46
N GLY A 73 -24.14 -12.16 -18.53
CA GLY A 73 -25.12 -11.65 -19.49
C GLY A 73 -24.67 -11.82 -20.94
N GLY A 74 -23.89 -12.88 -21.21
CA GLY A 74 -23.43 -13.12 -22.56
C GLY A 74 -22.23 -12.30 -22.98
N VAL A 75 -21.69 -11.50 -22.05
CA VAL A 75 -20.50 -10.67 -22.34
C VAL A 75 -19.26 -11.11 -21.52
N GLU A 76 -18.08 -10.97 -22.13
CA GLU A 76 -16.81 -11.33 -21.48
C GLU A 76 -16.17 -10.20 -20.66
N LEU A 77 -15.89 -10.48 -19.39
CA LEU A 77 -15.29 -9.49 -18.50
C LEU A 77 -14.06 -10.00 -17.74
N PRO A 78 -13.04 -9.14 -17.58
CA PRO A 78 -11.83 -9.56 -16.85
C PRO A 78 -12.23 -9.55 -15.37
N VAL A 79 -12.08 -10.67 -14.70
CA VAL A 79 -12.49 -10.76 -13.31
C VAL A 79 -11.53 -11.60 -12.47
N ALA A 80 -11.88 -11.86 -11.21
CA ALA A 80 -11.05 -12.69 -10.33
C ALA A 80 -11.85 -13.89 -9.82
N ALA A 81 -11.38 -15.09 -10.15
CA ALA A 81 -12.05 -16.32 -9.72
C ALA A 81 -12.21 -16.25 -8.21
N TRP A 82 -11.12 -15.88 -7.55
CA TRP A 82 -11.08 -15.72 -6.10
C TRP A 82 -9.80 -14.98 -5.77
N ARG A 83 -9.68 -14.54 -4.52
CA ARG A 83 -8.49 -13.82 -4.05
C ARG A 83 -7.97 -14.43 -2.76
N SER A 84 -6.68 -14.25 -2.52
CA SER A 84 -6.06 -14.73 -1.30
C SER A 84 -5.72 -13.45 -0.53
N TYR A 85 -5.98 -13.42 0.76
CA TYR A 85 -5.72 -12.22 1.57
C TYR A 85 -4.71 -12.38 2.71
N LEU A 86 -3.68 -11.54 2.70
CA LEU A 86 -2.68 -11.54 3.76
C LEU A 86 -2.91 -10.27 4.57
N ASN A 87 -3.04 -10.43 5.88
CA ASN A 87 -3.25 -9.30 6.77
C ASN A 87 -2.26 -9.33 7.92
N MET A 88 -1.40 -8.33 8.00
CA MET A 88 -0.46 -8.31 9.10
C MET A 88 -0.42 -7.02 9.89
N GLU A 89 -0.23 -7.15 11.20
CA GLU A 89 -0.16 -6.02 12.09
C GLU A 89 1.11 -6.15 12.91
N LEU A 90 1.97 -5.16 12.80
CA LEU A 90 3.23 -5.16 13.53
C LEU A 90 3.23 -4.05 14.57
N THR A 91 3.28 -4.42 15.85
CA THR A 91 3.30 -3.43 16.92
C THR A 91 4.72 -3.31 17.47
N ILE A 92 5.28 -2.12 17.33
CA ILE A 92 6.64 -1.83 17.77
C ILE A 92 6.63 -0.73 18.83
N PRO A 93 7.35 -0.94 19.95
CA PRO A 93 7.40 0.08 21.01
C PRO A 93 8.20 1.31 20.55
N ILE A 94 7.83 2.50 21.05
CA ILE A 94 8.54 3.72 20.66
C ILE A 94 10.00 3.69 21.08
N PHE A 95 10.33 2.75 21.96
CA PHE A 95 11.70 2.61 22.46
C PHE A 95 12.63 1.82 21.55
N ALA A 96 12.06 1.19 20.52
CA ALA A 96 12.87 0.41 19.59
C ALA A 96 13.73 1.34 18.75
N THR A 97 15.04 1.09 18.72
CA THR A 97 15.96 1.90 17.93
C THR A 97 15.96 1.40 16.48
N ASN A 98 16.73 2.06 15.62
CA ASN A 98 16.81 1.68 14.22
C ASN A 98 17.38 0.26 14.10
N SER A 99 18.33 -0.09 14.96
CA SER A 99 18.91 -1.43 14.90
C SER A 99 17.91 -2.48 15.43
N ASP A 100 17.04 -2.05 16.35
CA ASP A 100 16.04 -2.96 16.90
C ASP A 100 15.02 -3.31 15.82
N CYS A 101 14.68 -2.31 15.00
CA CYS A 101 13.70 -2.52 13.94
C CYS A 101 14.24 -3.37 12.78
N GLU A 102 15.55 -3.31 12.55
CA GLU A 102 16.17 -4.09 11.49
C GLU A 102 16.14 -5.56 11.87
N LEU A 103 16.12 -5.80 13.18
CA LEU A 103 16.09 -7.14 13.72
C LEU A 103 14.71 -7.74 13.45
N ILE A 104 13.67 -6.89 13.50
CA ILE A 104 12.30 -7.32 13.24
C ILE A 104 12.13 -7.69 11.77
N VAL A 105 12.71 -6.87 10.88
CA VAL A 105 12.62 -7.12 9.44
C VAL A 105 13.34 -8.43 9.11
N LYS A 106 14.53 -8.61 9.65
CA LYS A 106 15.31 -9.82 9.42
C LYS A 106 14.57 -11.07 9.89
N ALA A 107 13.80 -10.94 10.96
CA ALA A 107 13.03 -12.06 11.49
C ALA A 107 11.93 -12.47 10.53
N MET A 108 11.27 -11.48 9.92
CA MET A 108 10.19 -11.76 8.98
C MET A 108 10.71 -12.36 7.68
N GLN A 109 11.90 -11.92 7.26
CA GLN A 109 12.50 -12.46 6.04
C GLN A 109 12.94 -13.90 6.25
N GLY A 110 13.44 -14.18 7.45
CA GLY A 110 13.91 -15.52 7.76
C GLY A 110 12.76 -16.47 8.00
N LEU A 111 11.63 -15.90 8.42
CA LEU A 111 10.41 -16.65 8.67
C LEU A 111 9.87 -17.23 7.37
N LEU A 112 9.92 -16.42 6.31
CA LEU A 112 9.40 -16.81 5.01
C LEU A 112 10.40 -17.32 3.98
N LYS A 113 11.65 -17.49 4.38
CA LYS A 113 12.69 -17.96 3.48
C LYS A 113 12.42 -19.36 2.95
N ASP A 114 12.71 -19.61 1.66
CA ASP A 114 12.51 -20.95 1.07
C ASP A 114 13.17 -22.06 1.88
N GLY A 115 12.45 -23.15 2.07
CA GLY A 115 13.01 -24.27 2.81
C GLY A 115 12.69 -24.30 4.29
N ASN A 116 12.18 -23.21 4.84
CA ASN A 116 11.85 -23.19 6.26
C ASN A 116 10.45 -23.73 6.51
N PRO A 117 10.17 -24.18 7.74
CA PRO A 117 8.87 -24.73 8.14
C PRO A 117 7.59 -24.10 7.58
N ILE A 118 7.35 -22.84 7.92
CA ILE A 118 6.14 -22.16 7.50
C ILE A 118 5.91 -22.04 5.99
N PRO A 119 6.89 -21.51 5.23
CA PRO A 119 6.59 -21.43 3.79
C PRO A 119 6.45 -22.81 3.12
N SER A 120 7.05 -23.83 3.74
CA SER A 120 6.99 -25.21 3.24
C SER A 120 5.60 -25.79 3.38
N ALA A 121 5.02 -25.56 4.56
CA ALA A 121 3.68 -26.03 4.88
C ALA A 121 2.64 -25.32 4.01
N ILE A 122 2.74 -24.00 3.89
CA ILE A 122 1.79 -23.23 3.09
C ILE A 122 1.82 -23.66 1.63
N ALA A 123 3.03 -23.83 1.08
CA ALA A 123 3.19 -24.21 -0.32
C ALA A 123 2.69 -25.62 -0.64
N ALA A 124 2.52 -26.45 0.38
CA ALA A 124 2.08 -27.83 0.19
C ALA A 124 0.66 -28.13 0.68
N ASN A 125 -0.06 -27.10 1.12
CA ASN A 125 -1.43 -27.26 1.61
C ASN A 125 -1.51 -28.16 2.84
N SER A 126 -0.54 -28.06 3.75
CA SER A 126 -0.54 -28.86 4.96
C SER A 126 -0.30 -28.00 6.19
N GLY A 127 -0.20 -28.63 7.34
CA GLY A 127 0.06 -27.90 8.56
C GLY A 127 1.47 -28.23 8.99
N ILE A 128 1.82 -27.83 10.20
CA ILE A 128 3.13 -28.12 10.76
C ILE A 128 3.03 -29.44 11.53
N TYR A 129 3.99 -30.34 11.33
CA TYR A 129 3.99 -31.63 12.00
C TYR A 129 5.36 -32.28 11.88
N ALA B 1 8.49 -36.90 6.35
CA ALA B 1 8.43 -35.54 5.71
C ALA B 1 8.03 -34.45 6.74
N SER B 2 8.26 -34.76 8.02
CA SER B 2 7.98 -33.86 9.14
C SER B 2 8.63 -32.47 8.95
N ASN B 3 7.85 -31.39 9.04
CA ASN B 3 8.42 -30.05 8.87
C ASN B 3 8.62 -29.24 10.15
N PHE B 4 8.26 -29.80 11.30
CA PHE B 4 8.39 -29.10 12.57
C PHE B 4 9.81 -29.29 13.11
N THR B 5 10.75 -28.57 12.51
CA THR B 5 12.16 -28.63 12.89
C THR B 5 12.68 -27.23 13.19
N GLN B 6 13.90 -27.14 13.73
CA GLN B 6 14.49 -25.84 14.04
C GLN B 6 14.98 -25.14 12.78
N PHE B 7 14.92 -23.82 12.78
CA PHE B 7 15.37 -23.02 11.64
C PHE B 7 15.98 -21.69 12.08
N VAL B 8 16.72 -21.07 11.17
CA VAL B 8 17.35 -19.79 11.48
C VAL B 8 16.32 -18.71 11.21
N LEU B 9 15.93 -17.98 12.26
CA LEU B 9 14.95 -16.92 12.12
C LEU B 9 15.64 -15.62 11.73
N VAL B 10 16.70 -15.28 12.45
CA VAL B 10 17.48 -14.07 12.17
C VAL B 10 18.86 -14.47 11.66
N ASP B 11 19.08 -14.32 10.37
CA ASP B 11 20.35 -14.66 9.79
C ASP B 11 21.35 -13.49 9.74
N ASN B 12 22.45 -13.63 10.46
CA ASN B 12 23.47 -12.58 10.45
C ASN B 12 24.75 -13.07 9.78
N GLY B 13 24.59 -14.08 8.92
CA GLY B 13 25.74 -14.63 8.22
C GLY B 13 26.64 -15.48 9.09
N GLY B 14 26.05 -16.52 9.68
CA GLY B 14 26.78 -17.45 10.54
C GLY B 14 27.22 -16.97 11.93
N THR B 15 27.60 -15.70 12.02
CA THR B 15 28.07 -15.17 13.30
C THR B 15 27.05 -14.19 13.94
N GLY B 16 26.34 -14.71 14.95
CA GLY B 16 25.33 -13.91 15.63
C GLY B 16 23.94 -14.28 15.15
N ASP B 17 23.83 -15.47 14.56
CA ASP B 17 22.54 -15.95 14.04
C ASP B 17 21.60 -16.36 15.18
N VAL B 18 20.31 -16.10 15.00
CA VAL B 18 19.32 -16.46 15.98
C VAL B 18 18.57 -17.69 15.47
N THR B 19 18.67 -18.78 16.22
CA THR B 19 18.01 -20.03 15.86
C THR B 19 16.81 -20.23 16.75
N VAL B 20 15.71 -20.67 16.14
CA VAL B 20 14.48 -20.89 16.87
C VAL B 20 14.21 -22.40 16.78
N ALA B 21 13.93 -23.02 17.92
CA ALA B 21 13.69 -24.47 17.98
C ALA B 21 12.32 -24.86 18.52
N PRO B 22 11.75 -25.98 18.01
CA PRO B 22 10.44 -26.45 18.44
C PRO B 22 10.35 -26.46 19.97
N SER B 23 9.27 -25.91 20.51
CA SER B 23 9.12 -25.85 21.96
C SER B 23 7.75 -26.23 22.50
N ASN B 24 6.74 -26.26 21.65
CA ASN B 24 5.42 -26.62 22.11
C ASN B 24 4.55 -27.01 20.94
N PHE B 25 3.54 -27.85 21.21
CA PHE B 25 2.62 -28.30 20.17
C PHE B 25 1.22 -28.52 20.73
N ALA B 26 0.91 -27.79 21.80
CA ALA B 26 -0.40 -27.91 22.43
C ALA B 26 -1.51 -27.33 21.58
N ASN B 27 -2.48 -28.19 21.23
CA ASN B 27 -3.66 -27.82 20.44
C ASN B 27 -3.44 -27.53 18.97
N GLY B 28 -2.47 -28.20 18.36
CA GLY B 28 -2.19 -27.96 16.96
C GLY B 28 -1.42 -26.68 16.71
N VAL B 29 -1.16 -25.90 17.76
CA VAL B 29 -0.40 -24.68 17.57
C VAL B 29 1.07 -25.01 17.79
N ALA B 30 1.83 -24.99 16.70
CA ALA B 30 3.26 -25.26 16.76
C ALA B 30 3.97 -24.01 17.26
N GLU B 31 4.94 -24.19 18.15
CA GLU B 31 5.69 -23.07 18.68
C GLU B 31 7.19 -23.32 18.58
N TRP B 32 7.93 -22.23 18.35
CA TRP B 32 9.40 -22.24 18.24
C TRP B 32 9.90 -21.07 19.11
N ILE B 33 10.93 -21.30 19.92
CA ILE B 33 11.49 -20.21 20.70
C ILE B 33 13.01 -20.28 20.69
N SER B 34 13.64 -19.14 20.89
CA SER B 34 15.08 -19.08 20.93
C SER B 34 15.51 -19.52 22.33
N SER B 35 16.81 -19.73 22.51
CA SER B 35 17.35 -20.15 23.80
C SER B 35 17.55 -18.93 24.71
N ASN B 36 16.46 -18.50 25.32
CA ASN B 36 16.47 -17.33 26.20
C ASN B 36 15.41 -17.57 27.25
N SER B 37 15.17 -16.55 28.08
CA SER B 37 14.12 -16.62 29.07
C SER B 37 12.90 -16.26 28.21
N ARG B 38 11.71 -16.70 28.60
CA ARG B 38 10.57 -16.41 27.75
C ARG B 38 10.21 -14.92 27.62
N SER B 39 10.76 -14.10 28.52
CA SER B 39 10.48 -12.68 28.48
C SER B 39 11.40 -11.99 27.48
N GLN B 40 12.48 -12.67 27.08
CA GLN B 40 13.43 -12.10 26.13
C GLN B 40 13.61 -12.96 24.88
N ALA B 41 12.84 -14.03 24.77
CA ALA B 41 12.97 -14.92 23.63
C ALA B 41 12.27 -14.49 22.35
N TYR B 42 12.73 -15.06 21.23
CA TYR B 42 12.15 -14.84 19.91
C TYR B 42 11.11 -15.96 19.85
N LYS B 43 9.86 -15.61 19.55
CA LYS B 43 8.83 -16.63 19.50
C LYS B 43 8.08 -16.65 18.18
N VAL B 44 7.71 -17.84 17.73
CA VAL B 44 6.98 -18.04 16.49
C VAL B 44 5.94 -19.12 16.71
N THR B 45 4.66 -18.81 16.43
CA THR B 45 3.60 -19.82 16.55
C THR B 45 2.91 -19.91 15.19
N CYS B 46 2.37 -21.07 14.87
CA CYS B 46 1.70 -21.25 13.60
C CYS B 46 0.59 -22.28 13.68
N SER B 47 -0.57 -21.95 13.11
CA SER B 47 -1.71 -22.88 13.10
C SER B 47 -2.55 -22.67 11.83
N VAL B 48 -3.19 -23.74 11.36
CA VAL B 48 -4.05 -23.69 10.18
C VAL B 48 -5.43 -24.21 10.57
N ARG B 49 -6.45 -23.65 9.95
CA ARG B 49 -7.82 -24.09 10.20
C ARG B 49 -8.74 -23.67 9.07
N GLN B 50 -9.88 -24.36 9.00
CA GLN B 50 -10.90 -24.07 8.00
C GLN B 50 -11.71 -22.95 8.61
N SER B 51 -11.36 -21.70 8.32
CA SER B 51 -12.09 -20.57 8.91
C SER B 51 -13.56 -20.52 8.47
N SER B 52 -13.84 -21.04 7.27
CA SER B 52 -15.19 -21.07 6.74
C SER B 52 -15.24 -22.11 5.62
N ALA B 53 -16.38 -22.24 4.96
CA ALA B 53 -16.54 -23.22 3.90
C ALA B 53 -15.68 -23.00 2.66
N GLN B 54 -15.48 -21.73 2.30
CA GLN B 54 -14.69 -21.39 1.11
C GLN B 54 -13.18 -21.16 1.39
N ASN B 55 -12.82 -20.94 2.66
CA ASN B 55 -11.42 -20.66 3.02
C ASN B 55 -10.76 -21.46 4.13
N ARG B 56 -9.43 -21.41 4.11
CA ARG B 56 -8.57 -21.99 5.12
C ARG B 56 -7.77 -20.75 5.58
N LYS B 57 -7.32 -20.74 6.83
CA LYS B 57 -6.59 -19.60 7.34
C LYS B 57 -5.39 -19.97 8.21
N TYR B 58 -4.22 -19.49 7.82
CA TYR B 58 -2.99 -19.70 8.59
C TYR B 58 -2.84 -18.52 9.52
N THR B 59 -2.49 -18.78 10.78
CA THR B 59 -2.29 -17.71 11.73
C THR B 59 -0.85 -17.84 12.20
N ILE B 60 -0.03 -16.85 11.87
CA ILE B 60 1.36 -16.84 12.25
C ILE B 60 1.63 -15.66 13.17
N LYS B 61 2.19 -15.94 14.33
CA LYS B 61 2.52 -14.91 15.31
C LYS B 61 4.01 -14.90 15.57
N VAL B 62 4.61 -13.72 15.64
CA VAL B 62 6.04 -13.59 15.88
C VAL B 62 6.29 -12.52 16.94
N GLU B 63 7.15 -12.86 17.91
CA GLU B 63 7.52 -11.93 18.96
C GLU B 63 9.01 -11.68 18.87
N VAL B 64 9.40 -10.40 18.80
CA VAL B 64 10.80 -9.99 18.69
C VAL B 64 11.20 -9.09 19.85
N PRO B 65 12.31 -9.43 20.54
CA PRO B 65 12.80 -8.64 21.67
C PRO B 65 13.59 -7.39 21.30
N LYS B 66 13.44 -6.34 22.10
CA LYS B 66 14.19 -5.12 21.88
C LYS B 66 15.54 -5.48 22.46
N VAL B 67 16.59 -5.40 21.65
CA VAL B 67 17.92 -5.78 22.10
C VAL B 67 18.82 -4.67 22.62
N ALA B 68 18.67 -3.45 22.11
CA ALA B 68 19.47 -2.33 22.55
C ALA B 68 19.26 -2.01 24.03
N THR B 69 20.36 -2.01 24.80
CA THR B 69 20.40 -1.73 26.24
C THR B 69 19.79 -2.82 27.12
N GLN B 70 19.55 -3.96 26.50
CA GLN B 70 18.99 -5.15 27.14
C GLN B 70 19.98 -5.80 28.12
N THR B 71 19.47 -6.28 29.25
CA THR B 71 20.28 -6.97 30.24
C THR B 71 19.90 -8.44 30.17
N VAL B 72 20.75 -9.25 29.56
CA VAL B 72 20.52 -10.68 29.39
C VAL B 72 20.18 -11.44 30.67
N GLY B 73 19.00 -12.03 30.70
CA GLY B 73 18.56 -12.79 31.86
C GLY B 73 17.97 -11.92 32.94
N GLY B 74 17.81 -10.63 32.66
CA GLY B 74 17.27 -9.72 33.65
C GLY B 74 15.77 -9.50 33.59
N VAL B 75 15.25 -8.80 34.59
CA VAL B 75 13.83 -8.48 34.68
C VAL B 75 13.63 -7.08 34.12
N GLU B 76 12.98 -6.98 32.98
CA GLU B 76 12.74 -5.69 32.35
C GLU B 76 11.25 -5.38 32.25
N LEU B 77 10.82 -4.34 32.97
CA LEU B 77 9.43 -3.91 32.96
C LEU B 77 9.36 -2.48 32.46
N PRO B 78 8.23 -2.11 31.82
CA PRO B 78 7.09 -2.98 31.55
C PRO B 78 7.35 -3.87 30.35
N VAL B 79 6.71 -5.03 30.32
CA VAL B 79 6.88 -5.98 29.21
C VAL B 79 6.65 -5.36 27.81
N ALA B 80 5.64 -4.51 27.68
CA ALA B 80 5.30 -3.89 26.41
C ALA B 80 6.38 -2.99 25.81
N ALA B 81 7.28 -2.50 26.65
CA ALA B 81 8.35 -1.62 26.19
C ALA B 81 9.53 -2.41 25.62
N TRP B 82 9.55 -3.71 25.88
CA TRP B 82 10.66 -4.52 25.41
C TRP B 82 10.35 -5.56 24.35
N ARG B 83 9.14 -5.55 23.81
CA ARG B 83 8.77 -6.54 22.80
C ARG B 83 7.95 -6.01 21.65
N SER B 84 8.16 -6.60 20.47
CA SER B 84 7.43 -6.24 19.27
C SER B 84 6.59 -7.44 18.89
N TYR B 85 5.38 -7.18 18.42
CA TYR B 85 4.47 -8.25 18.05
C TYR B 85 4.04 -8.19 16.59
N LEU B 86 4.19 -9.32 15.91
CA LEU B 86 3.82 -9.46 14.51
C LEU B 86 2.65 -10.42 14.45
N ASN B 87 1.57 -9.99 13.80
CA ASN B 87 0.39 -10.83 13.68
C ASN B 87 0.00 -10.99 12.21
N MET B 88 0.21 -12.19 11.68
CA MET B 88 -0.10 -12.48 10.29
C MET B 88 -1.25 -13.47 10.14
N GLU B 89 -2.17 -13.15 9.24
CA GLU B 89 -3.30 -14.03 8.96
C GLU B 89 -3.45 -14.17 7.44
N LEU B 90 -3.19 -15.37 6.94
CA LEU B 90 -3.27 -15.68 5.52
C LEU B 90 -4.52 -16.49 5.23
N THR B 91 -5.38 -15.95 4.38
CA THR B 91 -6.62 -16.59 3.98
C THR B 91 -6.46 -17.14 2.56
N ILE B 92 -6.59 -18.45 2.41
CA ILE B 92 -6.44 -19.06 1.09
C ILE B 92 -7.70 -19.85 0.76
N PRO B 93 -8.39 -19.46 -0.33
CA PRO B 93 -9.63 -20.13 -0.78
C PRO B 93 -9.34 -21.61 -1.02
N ILE B 94 -10.29 -22.48 -0.70
CA ILE B 94 -10.09 -23.92 -0.87
C ILE B 94 -9.75 -24.40 -2.28
N PHE B 95 -9.87 -23.53 -3.29
CA PHE B 95 -9.58 -23.93 -4.66
C PHE B 95 -8.11 -23.78 -5.05
N ALA B 96 -7.31 -23.16 -4.19
CA ALA B 96 -5.90 -22.96 -4.49
C ALA B 96 -5.08 -24.24 -4.52
N THR B 97 -4.36 -24.45 -5.63
CA THR B 97 -3.54 -25.63 -5.78
C THR B 97 -2.15 -25.33 -5.18
N ASN B 98 -1.27 -26.33 -5.18
CA ASN B 98 0.07 -26.15 -4.65
C ASN B 98 0.78 -25.01 -5.38
N SER B 99 0.54 -24.91 -6.70
CA SER B 99 1.13 -23.86 -7.51
C SER B 99 0.62 -22.50 -7.06
N ASP B 100 -0.69 -22.39 -6.84
CA ASP B 100 -1.27 -21.14 -6.39
C ASP B 100 -0.67 -20.74 -5.05
N CYS B 101 -0.49 -21.72 -4.17
CA CYS B 101 0.06 -21.46 -2.86
C CYS B 101 1.53 -21.06 -2.91
N GLU B 102 2.24 -21.57 -3.90
CA GLU B 102 3.64 -21.23 -4.06
C GLU B 102 3.80 -19.78 -4.49
N LEU B 103 2.87 -19.32 -5.33
CA LEU B 103 2.87 -17.95 -5.83
C LEU B 103 2.60 -17.01 -4.66
N ILE B 104 1.65 -17.40 -3.81
CA ILE B 104 1.27 -16.63 -2.63
C ILE B 104 2.47 -16.48 -1.69
N VAL B 105 3.31 -17.50 -1.64
CA VAL B 105 4.50 -17.47 -0.80
C VAL B 105 5.53 -16.50 -1.40
N LYS B 106 5.71 -16.58 -2.72
CA LYS B 106 6.64 -15.68 -3.41
C LYS B 106 6.24 -14.23 -3.20
N ALA B 107 4.94 -13.96 -3.21
CA ALA B 107 4.44 -12.61 -3.01
C ALA B 107 4.82 -12.13 -1.62
N MET B 108 4.77 -13.01 -0.62
CA MET B 108 5.14 -12.63 0.74
C MET B 108 6.63 -12.38 0.84
N GLN B 109 7.42 -13.19 0.14
CA GLN B 109 8.87 -13.02 0.15
C GLN B 109 9.22 -11.71 -0.55
N GLY B 110 8.52 -11.42 -1.64
CA GLY B 110 8.76 -10.20 -2.38
C GLY B 110 8.44 -8.95 -1.57
N LEU B 111 7.33 -8.98 -0.84
CA LEU B 111 6.93 -7.86 -0.02
C LEU B 111 7.98 -7.48 1.03
N LEU B 112 8.73 -8.48 1.52
CA LEU B 112 9.72 -8.24 2.57
C LEU B 112 11.19 -8.22 2.17
N LYS B 113 11.48 -8.39 0.88
CA LYS B 113 12.86 -8.38 0.42
C LYS B 113 13.58 -7.05 0.67
N ASP B 114 14.88 -7.12 0.97
CA ASP B 114 15.68 -5.92 1.22
C ASP B 114 15.62 -4.93 0.08
N GLY B 115 15.45 -3.66 0.41
CA GLY B 115 15.40 -2.62 -0.60
C GLY B 115 13.99 -2.18 -0.96
N ASN B 116 13.01 -3.04 -0.67
CA ASN B 116 11.62 -2.72 -0.97
C ASN B 116 11.04 -1.72 0.05
N PRO B 117 9.98 -1.01 -0.34
CA PRO B 117 9.30 -0.01 0.49
C PRO B 117 8.96 -0.38 1.94
N ILE B 118 8.11 -1.39 2.12
CA ILE B 118 7.69 -1.81 3.45
C ILE B 118 8.84 -2.13 4.43
N PRO B 119 9.74 -3.06 4.08
CA PRO B 119 10.82 -3.34 5.04
C PRO B 119 11.73 -2.15 5.33
N SER B 120 11.98 -1.32 4.32
CA SER B 120 12.83 -0.14 4.45
C SER B 120 12.27 0.91 5.38
N ALA B 121 10.94 1.01 5.41
CA ALA B 121 10.25 1.97 6.25
C ALA B 121 10.23 1.48 7.69
N ILE B 122 9.97 0.20 7.87
CA ILE B 122 9.93 -0.40 9.20
C ILE B 122 11.29 -0.27 9.89
N ALA B 123 12.34 -0.56 9.12
CA ALA B 123 13.72 -0.51 9.61
C ALA B 123 14.21 0.90 9.94
N ALA B 124 13.58 1.92 9.37
CA ALA B 124 14.00 3.30 9.60
C ALA B 124 13.03 4.05 10.51
N ASN B 125 12.16 3.34 11.21
CA ASN B 125 11.18 3.97 12.10
C ASN B 125 10.28 4.95 11.34
N SER B 126 10.04 4.65 10.07
CA SER B 126 9.24 5.51 9.19
C SER B 126 7.93 4.94 8.66
N GLY B 127 7.23 5.78 7.90
CA GLY B 127 6.00 5.39 7.27
C GLY B 127 6.31 5.57 5.81
N ILE B 128 5.30 5.81 4.99
CA ILE B 128 5.52 6.02 3.58
C ILE B 128 5.51 7.52 3.32
N TYR B 129 6.38 7.98 2.42
CA TYR B 129 6.51 9.39 2.08
C TYR B 129 7.10 9.55 0.67
N ALA C 1 8.33 7.63 -5.46
CA ALA C 1 7.65 8.37 -6.58
C ALA C 1 6.43 9.14 -6.04
N SER C 2 6.05 10.21 -6.75
CA SER C 2 4.89 11.02 -6.35
C SER C 2 4.32 11.80 -7.54
N ASN C 3 2.99 11.89 -7.61
CA ASN C 3 2.36 12.64 -8.68
C ASN C 3 1.61 13.83 -8.09
N PHE C 4 1.83 14.05 -6.79
CA PHE C 4 1.24 15.19 -6.10
C PHE C 4 2.36 16.21 -6.13
N THR C 5 2.66 16.66 -7.34
CA THR C 5 3.72 17.62 -7.59
C THR C 5 3.17 18.88 -8.26
N GLN C 6 4.08 19.83 -8.44
CA GLN C 6 3.82 21.13 -9.06
C GLN C 6 3.67 20.93 -10.58
N PHE C 7 2.74 21.64 -11.21
CA PHE C 7 2.56 21.51 -12.66
C PHE C 7 2.01 22.78 -13.28
N VAL C 8 2.21 22.93 -14.59
CA VAL C 8 1.73 24.12 -15.30
C VAL C 8 0.27 23.94 -15.70
N LEU C 9 -0.59 24.80 -15.15
CA LEU C 9 -2.04 24.77 -15.43
C LEU C 9 -2.38 25.57 -16.68
N VAL C 10 -1.75 26.74 -16.83
CA VAL C 10 -1.97 27.59 -17.99
C VAL C 10 -0.61 27.84 -18.61
N ASP C 11 -0.47 27.44 -19.87
CA ASP C 11 0.77 27.61 -20.59
C ASP C 11 0.72 28.80 -21.55
N ASN C 12 1.49 29.84 -21.22
CA ASN C 12 1.57 31.06 -22.04
C ASN C 12 3.03 31.22 -22.50
N GLY C 13 3.43 30.39 -23.46
CA GLY C 13 4.81 30.46 -23.93
C GLY C 13 5.70 30.02 -22.78
N GLY C 14 6.74 30.81 -22.48
CA GLY C 14 7.64 30.48 -21.39
C GLY C 14 7.33 31.26 -20.11
N THR C 15 6.90 32.52 -20.29
CA THR C 15 6.59 33.39 -19.16
C THR C 15 5.16 33.96 -19.25
N GLY C 16 4.48 33.96 -18.11
CA GLY C 16 3.09 34.41 -18.03
C GLY C 16 2.35 33.13 -17.64
N ASP C 17 3.14 32.06 -17.55
CA ASP C 17 2.68 30.71 -17.18
C ASP C 17 2.13 30.68 -15.76
N VAL C 18 0.96 30.06 -15.60
CA VAL C 18 0.36 29.92 -14.29
C VAL C 18 0.76 28.54 -13.77
N THR C 19 1.49 28.52 -12.67
CA THR C 19 1.90 27.26 -12.08
C THR C 19 1.16 27.05 -10.78
N VAL C 20 0.67 25.84 -10.61
CA VAL C 20 -0.09 25.45 -9.45
C VAL C 20 0.76 24.46 -8.64
N ALA C 21 0.80 24.63 -7.32
CA ALA C 21 1.59 23.77 -6.43
C ALA C 21 0.80 23.09 -5.33
N PRO C 22 1.23 21.89 -4.90
CA PRO C 22 0.52 21.15 -3.85
C PRO C 22 0.30 22.02 -2.61
N SER C 23 -0.87 21.92 -2.00
CA SER C 23 -1.12 22.72 -0.81
C SER C 23 -1.76 21.91 0.32
N ASN C 24 -2.51 20.87 -0.02
CA ASN C 24 -3.17 20.09 0.99
C ASN C 24 -3.70 18.78 0.44
N PHE C 25 -3.63 17.73 1.24
CA PHE C 25 -4.11 16.43 0.82
C PHE C 25 -4.79 15.80 2.03
N ALA C 26 -5.84 16.45 2.52
CA ALA C 26 -6.60 15.98 3.67
C ALA C 26 -7.90 15.29 3.21
N ASN C 27 -8.24 14.18 3.87
CA ASN C 27 -9.45 13.40 3.56
C ASN C 27 -9.58 12.95 2.10
N GLY C 28 -8.52 12.39 1.53
CA GLY C 28 -8.59 11.95 0.16
C GLY C 28 -8.84 13.03 -0.89
N VAL C 29 -8.59 14.29 -0.57
CA VAL C 29 -8.79 15.36 -1.55
C VAL C 29 -7.48 16.11 -1.76
N ALA C 30 -6.88 15.95 -2.94
CA ALA C 30 -5.63 16.63 -3.26
C ALA C 30 -5.95 18.03 -3.75
N GLU C 31 -5.24 19.03 -3.22
CA GLU C 31 -5.45 20.41 -3.60
C GLU C 31 -4.17 21.10 -4.08
N TRP C 32 -4.31 21.87 -5.14
CA TRP C 32 -3.21 22.60 -5.75
C TRP C 32 -3.59 24.09 -5.81
N ILE C 33 -2.68 24.99 -5.44
CA ILE C 33 -2.94 26.43 -5.46
C ILE C 33 -1.79 27.15 -6.14
N SER C 34 -2.06 28.23 -6.85
CA SER C 34 -0.99 28.99 -7.48
C SER C 34 -0.41 29.92 -6.41
N SER C 35 0.76 30.49 -6.65
CA SER C 35 1.39 31.35 -5.65
C SER C 35 0.78 32.74 -5.44
N ASN C 36 1.24 33.42 -4.38
CA ASN C 36 0.76 34.75 -3.99
C ASN C 36 -0.61 34.69 -3.31
N SER C 37 -1.19 35.86 -3.05
CA SER C 37 -2.49 35.96 -2.38
C SER C 37 -3.45 34.83 -2.68
N ARG C 38 -3.83 34.10 -1.64
CA ARG C 38 -4.77 32.99 -1.76
C ARG C 38 -6.07 33.50 -2.40
N SER C 39 -6.42 34.74 -2.12
CA SER C 39 -7.64 35.35 -2.65
C SER C 39 -7.69 35.49 -4.18
N GLN C 40 -6.53 35.57 -4.82
CA GLN C 40 -6.46 35.69 -6.28
C GLN C 40 -5.82 34.46 -6.90
N ALA C 41 -5.78 33.35 -6.16
CA ALA C 41 -5.15 32.13 -6.63
C ALA C 41 -6.00 31.18 -7.43
N TYR C 42 -5.33 30.44 -8.31
CA TYR C 42 -5.98 29.43 -9.12
C TYR C 42 -6.06 28.21 -8.20
N LYS C 43 -7.17 27.47 -8.29
CA LYS C 43 -7.34 26.31 -7.45
C LYS C 43 -7.66 25.04 -8.24
N VAL C 44 -7.02 23.94 -7.88
CA VAL C 44 -7.27 22.65 -8.52
C VAL C 44 -7.35 21.58 -7.45
N THR C 45 -8.44 20.83 -7.42
CA THR C 45 -8.59 19.74 -6.46
C THR C 45 -8.93 18.45 -7.21
N CYS C 46 -8.58 17.33 -6.60
CA CYS C 46 -8.83 16.03 -7.21
C CYS C 46 -9.01 14.93 -6.16
N SER C 47 -9.98 14.04 -6.38
CA SER C 47 -10.21 12.93 -5.46
C SER C 47 -10.80 11.74 -6.22
N VAL C 48 -10.57 10.56 -5.70
CA VAL C 48 -11.09 9.34 -6.32
C VAL C 48 -11.78 8.54 -5.25
N ARG C 49 -12.75 7.75 -5.64
CA ARG C 49 -13.45 6.91 -4.68
C ARG C 49 -14.19 5.81 -5.40
N GLN C 50 -14.58 4.81 -4.63
CA GLN C 50 -15.33 3.68 -5.15
C GLN C 50 -16.76 4.16 -4.98
N SER C 51 -17.40 4.60 -6.06
CA SER C 51 -18.78 5.10 -5.97
C SER C 51 -19.81 3.97 -5.84
N SER C 52 -19.53 2.83 -6.46
CA SER C 52 -20.42 1.68 -6.36
C SER C 52 -19.56 0.43 -6.46
N ALA C 53 -20.20 -0.74 -6.54
CA ALA C 53 -19.46 -1.99 -6.63
C ALA C 53 -18.55 -2.09 -7.86
N GLN C 54 -19.02 -1.61 -9.00
CA GLN C 54 -18.23 -1.71 -10.24
C GLN C 54 -17.59 -0.42 -10.72
N ASN C 55 -17.88 0.68 -10.05
CA ASN C 55 -17.33 1.95 -10.49
C ASN C 55 -16.46 2.71 -9.51
N ARG C 56 -15.47 3.38 -10.08
CA ARG C 56 -14.57 4.25 -9.33
C ARG C 56 -14.83 5.60 -9.99
N LYS C 57 -14.91 6.65 -9.18
CA LYS C 57 -15.25 7.97 -9.70
C LYS C 57 -14.30 9.09 -9.32
N TYR C 58 -13.78 9.78 -10.33
CA TYR C 58 -12.89 10.91 -10.11
C TYR C 58 -13.74 12.17 -10.03
N THR C 59 -13.38 13.08 -9.14
CA THR C 59 -14.08 14.36 -9.00
C THR C 59 -12.99 15.43 -9.06
N ILE C 60 -12.93 16.15 -10.18
CA ILE C 60 -11.93 17.18 -10.43
C ILE C 60 -12.55 18.58 -10.44
N LYS C 61 -11.89 19.54 -9.78
CA LYS C 61 -12.36 20.91 -9.74
C LYS C 61 -11.27 21.91 -10.07
N VAL C 62 -11.60 22.91 -10.87
CA VAL C 62 -10.66 23.95 -11.26
C VAL C 62 -11.36 25.30 -11.08
N GLU C 63 -10.60 26.29 -10.63
CA GLU C 63 -11.12 27.64 -10.44
C GLU C 63 -10.21 28.64 -11.11
N VAL C 64 -10.76 29.42 -12.04
CA VAL C 64 -9.96 30.43 -12.72
C VAL C 64 -10.43 31.78 -12.18
N PRO C 65 -9.51 32.55 -11.58
CA PRO C 65 -9.86 33.86 -11.02
C PRO C 65 -9.63 35.04 -11.95
N LYS C 66 -10.39 36.10 -11.72
CA LYS C 66 -10.24 37.34 -12.46
C LYS C 66 -9.59 38.31 -11.47
N VAL C 67 -8.27 38.34 -11.50
CA VAL C 67 -7.48 39.19 -10.62
C VAL C 67 -7.91 40.66 -10.67
N ALA C 68 -8.14 41.24 -9.50
CA ALA C 68 -8.56 42.63 -9.36
C ALA C 68 -8.10 43.20 -8.02
N THR C 69 -8.30 44.51 -7.84
CA THR C 69 -7.93 45.18 -6.61
C THR C 69 -9.19 45.82 -6.05
N GLN C 70 -9.58 45.43 -4.85
CA GLN C 70 -10.76 46.01 -4.24
C GLN C 70 -10.37 47.22 -3.41
N THR C 71 -11.27 48.21 -3.32
CA THR C 71 -11.02 49.41 -2.54
C THR C 71 -12.29 49.79 -1.81
N VAL C 72 -12.20 49.78 -0.48
CA VAL C 72 -13.32 50.12 0.37
C VAL C 72 -12.78 51.03 1.49
N GLY C 73 -13.35 52.23 1.56
CA GLY C 73 -12.92 53.18 2.58
C GLY C 73 -11.48 53.64 2.41
N GLY C 74 -10.85 53.28 1.30
CA GLY C 74 -9.48 53.70 1.10
C GLY C 74 -8.49 52.57 1.29
N VAL C 75 -8.94 51.47 1.90
CA VAL C 75 -8.08 50.31 2.12
C VAL C 75 -8.20 49.44 0.87
N GLU C 76 -7.07 49.05 0.27
CA GLU C 76 -7.15 48.18 -0.90
C GLU C 76 -6.57 46.79 -0.66
N LEU C 77 -7.37 45.78 -1.06
CA LEU C 77 -7.03 44.37 -0.91
C LEU C 77 -6.98 43.64 -2.24
N PRO C 78 -6.09 42.64 -2.37
CA PRO C 78 -6.03 41.89 -3.63
C PRO C 78 -7.20 40.91 -3.56
N VAL C 79 -8.07 40.91 -4.57
CA VAL C 79 -9.19 40.00 -4.55
C VAL C 79 -9.42 39.40 -5.94
N ALA C 80 -10.49 38.63 -6.05
CA ALA C 80 -10.88 38.05 -7.32
C ALA C 80 -12.20 38.74 -7.61
N ALA C 81 -12.27 39.47 -8.72
CA ALA C 81 -13.50 40.15 -9.11
C ALA C 81 -14.61 39.09 -9.19
N TRP C 82 -14.26 37.95 -9.78
CA TRP C 82 -15.18 36.82 -9.92
C TRP C 82 -14.35 35.59 -10.29
N ARG C 83 -14.97 34.42 -10.21
CA ARG C 83 -14.27 33.19 -10.55
C ARG C 83 -15.06 32.35 -11.53
N SER C 84 -14.34 31.63 -12.40
CA SER C 84 -14.98 30.74 -13.36
C SER C 84 -14.86 29.36 -12.69
N TYR C 85 -15.94 28.60 -12.64
CA TYR C 85 -15.88 27.29 -11.99
C TYR C 85 -16.01 26.04 -12.87
N LEU C 86 -14.93 25.24 -12.93
CA LEU C 86 -14.96 24.00 -13.70
C LEU C 86 -15.22 22.86 -12.73
N ASN C 87 -16.16 21.99 -13.09
CA ASN C 87 -16.53 20.87 -12.25
C ASN C 87 -16.71 19.61 -13.07
N MET C 88 -15.80 18.63 -12.94
CA MET C 88 -15.98 17.42 -13.70
C MET C 88 -15.95 16.13 -12.90
N GLU C 89 -16.78 15.17 -13.35
CA GLU C 89 -16.89 13.85 -12.75
C GLU C 89 -16.65 12.79 -13.83
N LEU C 90 -15.72 11.88 -13.56
CA LEU C 90 -15.37 10.83 -14.51
C LEU C 90 -15.56 9.46 -13.88
N THR C 91 -16.50 8.69 -14.41
CA THR C 91 -16.77 7.36 -13.90
C THR C 91 -16.13 6.31 -14.79
N ILE C 92 -15.40 5.38 -14.17
CA ILE C 92 -14.72 4.31 -14.91
C ILE C 92 -14.91 2.97 -14.22
N PRO C 93 -15.50 2.00 -14.93
CA PRO C 93 -15.75 0.64 -14.42
C PRO C 93 -14.44 -0.03 -13.98
N ILE C 94 -14.52 -0.98 -13.05
CA ILE C 94 -13.33 -1.66 -12.57
C ILE C 94 -12.73 -2.67 -13.54
N PHE C 95 -13.42 -2.92 -14.65
CA PHE C 95 -12.95 -3.86 -15.65
C PHE C 95 -12.05 -3.15 -16.67
N ALA C 96 -11.91 -1.84 -16.54
CA ALA C 96 -11.09 -1.06 -17.44
C ALA C 96 -9.61 -1.29 -17.14
N THR C 97 -8.87 -1.63 -18.17
CA THR C 97 -7.44 -1.88 -18.02
C THR C 97 -6.70 -0.56 -18.20
N ASN C 98 -5.37 -0.60 -18.11
CA ASN C 98 -4.59 0.61 -18.29
C ASN C 98 -4.72 1.12 -19.73
N SER C 99 -5.00 0.22 -20.66
CA SER C 99 -5.18 0.60 -22.07
C SER C 99 -6.50 1.32 -22.28
N ASP C 100 -7.56 0.84 -21.61
CA ASP C 100 -8.88 1.45 -21.72
C ASP C 100 -8.84 2.84 -21.10
N CYS C 101 -8.09 2.98 -20.01
CA CYS C 101 -7.97 4.26 -19.31
C CYS C 101 -7.21 5.28 -20.13
N GLU C 102 -6.23 4.82 -20.90
CA GLU C 102 -5.46 5.71 -21.75
C GLU C 102 -6.32 6.30 -22.86
N LEU C 103 -7.31 5.51 -23.31
CA LEU C 103 -8.21 5.95 -24.37
C LEU C 103 -9.15 7.03 -23.80
N ILE C 104 -9.65 6.81 -22.59
CA ILE C 104 -10.53 7.76 -21.93
C ILE C 104 -9.82 9.11 -21.80
N VAL C 105 -8.51 9.07 -21.57
CA VAL C 105 -7.72 10.29 -21.43
C VAL C 105 -7.55 10.97 -22.79
N LYS C 106 -7.30 10.17 -23.82
CA LYS C 106 -7.17 10.71 -25.17
C LYS C 106 -8.47 11.38 -25.59
N ALA C 107 -9.59 10.79 -25.19
CA ALA C 107 -10.91 11.33 -25.52
C ALA C 107 -11.08 12.68 -24.85
N MET C 108 -10.59 12.80 -23.63
CA MET C 108 -10.71 14.06 -22.90
C MET C 108 -9.82 15.13 -23.50
N GLN C 109 -8.61 14.75 -23.92
CA GLN C 109 -7.69 15.69 -24.52
C GLN C 109 -8.18 16.11 -25.90
N GLY C 110 -8.81 15.18 -26.62
CA GLY C 110 -9.33 15.48 -27.94
C GLY C 110 -10.57 16.36 -27.91
N LEU C 111 -11.40 16.18 -26.90
CA LEU C 111 -12.61 16.98 -26.77
C LEU C 111 -12.24 18.46 -26.63
N LEU C 112 -11.07 18.73 -26.07
CA LEU C 112 -10.63 20.10 -25.82
C LEU C 112 -9.46 20.64 -26.66
N LYS C 113 -9.09 19.93 -27.71
CA LYS C 113 -7.99 20.37 -28.57
C LYS C 113 -8.36 21.67 -29.31
N ASP C 114 -7.37 22.55 -29.51
CA ASP C 114 -7.66 23.79 -30.21
C ASP C 114 -8.26 23.55 -31.58
N GLY C 115 -9.37 24.24 -31.87
CA GLY C 115 -10.02 24.10 -33.15
C GLY C 115 -11.31 23.29 -33.14
N ASN C 116 -11.41 22.36 -32.20
CA ASN C 116 -12.59 21.53 -32.10
C ASN C 116 -13.79 22.34 -31.61
N PRO C 117 -15.01 21.87 -31.91
CA PRO C 117 -16.28 22.49 -31.55
C PRO C 117 -16.42 23.12 -30.16
N ILE C 118 -16.26 22.31 -29.12
CA ILE C 118 -16.43 22.76 -27.76
C ILE C 118 -15.47 23.82 -27.21
N PRO C 119 -14.15 23.65 -27.37
CA PRO C 119 -13.27 24.70 -26.82
C PRO C 119 -13.42 26.03 -27.57
N SER C 120 -13.81 25.95 -28.85
CA SER C 120 -14.03 27.12 -29.71
C SER C 120 -15.25 27.92 -29.25
N ALA C 121 -16.32 27.20 -28.92
CA ALA C 121 -17.54 27.87 -28.46
C ALA C 121 -17.25 28.58 -27.15
N ILE C 122 -16.61 27.88 -26.23
CA ILE C 122 -16.27 28.44 -24.92
C ILE C 122 -15.36 29.65 -25.05
N ALA C 123 -14.37 29.56 -25.91
CA ALA C 123 -13.41 30.64 -26.11
C ALA C 123 -14.00 31.91 -26.74
N ALA C 124 -15.20 31.80 -27.32
CA ALA C 124 -15.84 32.93 -27.98
C ALA C 124 -17.17 33.32 -27.35
N ASN C 125 -17.38 32.94 -26.09
CA ASN C 125 -18.63 33.26 -25.40
C ASN C 125 -19.82 32.72 -26.16
N SER C 126 -19.61 31.66 -26.95
CA SER C 126 -20.67 31.10 -27.77
C SER C 126 -21.16 29.71 -27.36
N GLY C 127 -22.14 29.24 -28.12
CA GLY C 127 -22.70 27.92 -27.90
C GLY C 127 -22.49 27.22 -29.22
N ILE C 128 -23.31 26.21 -29.51
CA ILE C 128 -23.17 25.50 -30.76
C ILE C 128 -24.15 26.14 -31.75
N TYR C 129 -23.79 26.10 -33.03
CA TYR C 129 -24.63 26.67 -34.07
C TYR C 129 -24.30 26.10 -35.44
#